data_6NSU
#
_entry.id   6NSU
#
_cell.length_a   47.258
_cell.length_b   52.298
_cell.length_c   53.580
_cell.angle_alpha   90.00
_cell.angle_beta   114.56
_cell.angle_gamma   90.00
#
_symmetry.space_group_name_H-M   'P 1 21 1'
#
loop_
_entity.id
_entity.type
_entity.pdbx_description
1 polymer 'Quinolinate synthase A'
2 non-polymer 'IRON/SULFUR CLUSTER'
3 non-polymer DIDEHYDROASPARTATE
4 water water
#
_entity_poly.entity_id   1
_entity_poly.type   'polypeptide(L)'
_entity_poly.pdbx_seq_one_letter_code
;MDLVEEILRLKEERNAIILAHNYQLPEVQDIADFIGDSLELARRATRVDADVIVFAGVDFMAETAKILNPDKVVLIPSRE
ATCAMANMLKVEHILEAKRKYPNAPVVLYVNSTAEAKAYADVTVTSANAVEVVKKLDSDVVIFGPDKNLAHYVAKMTGKK
IIPVPSKGHCYVHQKFTLDDVERAKKLHPNAKLMIHPECIPEVQEKADIIASTGGMIKRACEWDEWVVFTEREMVYRLRK
LYPQKKFYPAREDAFCIGMKAITLKNIYESLKDMKYKVEVPEEIARKARKAIERMLEMSK
;
_entity_poly.pdbx_strand_id   A
#
# COMPACT_ATOMS: atom_id res chain seq x y z
N ASP A 2 -22.44 21.15 -1.14
CA ASP A 2 -21.30 21.12 -2.04
C ASP A 2 -20.02 20.83 -1.27
N LEU A 3 -19.75 19.54 -1.03
CA LEU A 3 -18.57 19.16 -0.27
C LEU A 3 -17.29 19.51 -1.01
N VAL A 4 -17.28 19.36 -2.34
CA VAL A 4 -16.09 19.63 -3.12
C VAL A 4 -15.68 21.10 -2.97
N GLU A 5 -16.64 22.01 -3.03
CA GLU A 5 -16.33 23.43 -2.86
C GLU A 5 -15.85 23.73 -1.46
N GLU A 6 -16.48 23.12 -0.44
CA GLU A 6 -16.12 23.43 0.93
C GLU A 6 -14.80 22.79 1.32
N ILE A 7 -14.52 21.58 0.81
CA ILE A 7 -13.25 20.93 1.09
C ILE A 7 -12.10 21.74 0.50
N LEU A 8 -12.28 22.22 -0.74
CA LEU A 8 -11.24 23.04 -1.36
C LEU A 8 -10.98 24.32 -0.58
N ARG A 9 -12.05 24.95 -0.09
CA ARG A 9 -11.88 26.15 0.74
C ARG A 9 -11.16 25.83 2.04
N LEU A 10 -11.64 24.80 2.75
CA LEU A 10 -11.01 24.42 4.01
C LEU A 10 -9.57 23.96 3.80
N LYS A 11 -9.29 23.31 2.67
CA LYS A 11 -7.92 22.90 2.37
C LYS A 11 -7.02 24.12 2.23
N GLU A 12 -7.52 25.19 1.62
CA GLU A 12 -6.74 26.42 1.50
C GLU A 12 -6.58 27.11 2.85
N GLU A 13 -7.66 27.18 3.65
CA GLU A 13 -7.60 27.89 4.92
C GLU A 13 -6.73 27.18 5.93
N ARG A 14 -6.61 25.85 5.82
CA ARG A 14 -5.75 25.09 6.72
C ARG A 14 -4.32 24.95 6.19
N ASN A 15 -4.06 25.40 4.96
CA ASN A 15 -2.78 25.15 4.28
C ASN A 15 -2.49 23.64 4.27
N ALA A 16 -3.44 22.88 3.75
CA ALA A 16 -3.37 21.43 3.79
C ALA A 16 -3.22 20.86 2.38
N ILE A 17 -2.76 19.61 2.33
CA ILE A 17 -2.64 18.85 1.09
C ILE A 17 -3.30 17.50 1.30
N ILE A 18 -4.08 17.06 0.32
CA ILE A 18 -4.82 15.80 0.40
C ILE A 18 -4.04 14.74 -0.36
N LEU A 19 -3.68 13.66 0.34
CA LEU A 19 -3.00 12.51 -0.25
C LEU A 19 -3.95 11.32 -0.22
N ALA A 20 -4.24 10.79 -1.40
CA ALA A 20 -5.20 9.70 -1.54
C ALA A 20 -4.55 8.49 -2.18
N HIS A 21 -4.84 7.31 -1.63
CA HIS A 21 -4.33 6.08 -2.20
C HIS A 21 -5.14 5.69 -3.43
N ASN A 22 -4.53 4.87 -4.29
CA ASN A 22 -5.19 4.44 -5.51
C ASN A 22 -6.49 3.70 -5.26
N TYR A 23 -6.67 3.14 -4.07
CA TYR A 23 -7.90 2.40 -3.73
C TYR A 23 -9.01 3.30 -3.21
N GLN A 24 -8.80 4.61 -3.16
CA GLN A 24 -9.82 5.51 -2.64
C GLN A 24 -10.98 5.64 -3.63
N LEU A 25 -12.14 6.00 -3.09
CA LEU A 25 -13.35 6.21 -3.88
C LEU A 25 -13.10 7.20 -5.00
N PRO A 26 -13.77 7.05 -6.14
CA PRO A 26 -13.56 8.01 -7.25
C PRO A 26 -13.80 9.45 -6.84
N GLU A 27 -14.81 9.72 -6.02
CA GLU A 27 -15.07 11.08 -5.57
C GLU A 27 -13.93 11.61 -4.71
N VAL A 28 -13.23 10.73 -3.99
CA VAL A 28 -12.10 11.17 -3.18
C VAL A 28 -10.90 11.47 -4.05
N GLN A 29 -10.67 10.66 -5.10
CA GLN A 29 -9.53 10.88 -5.97
C GLN A 29 -9.68 12.17 -6.78
N ASP A 30 -10.90 12.55 -7.11
CA ASP A 30 -11.12 13.74 -7.93
C ASP A 30 -10.78 15.03 -7.17
N ILE A 31 -10.76 15.00 -5.85
CA ILE A 31 -10.42 16.16 -5.04
C ILE A 31 -9.05 16.05 -4.41
N ALA A 32 -8.31 14.98 -4.68
CA ALA A 32 -7.00 14.79 -4.09
C ALA A 32 -5.93 15.58 -4.83
N ASP A 33 -4.90 15.98 -4.09
CA ASP A 33 -3.77 16.66 -4.70
C ASP A 33 -2.78 15.68 -5.31
N PHE A 34 -2.41 14.65 -4.55
CA PHE A 34 -1.54 13.59 -5.03
C PHE A 34 -2.25 12.25 -4.87
N ILE A 35 -2.03 11.35 -5.84
CA ILE A 35 -2.63 10.02 -5.83
C ILE A 35 -1.55 9.00 -6.16
N GLY A 36 -1.48 7.94 -5.37
CA GLY A 36 -0.49 6.90 -5.60
C GLY A 36 -0.52 5.89 -4.47
N ASP A 37 0.54 5.10 -4.37
CA ASP A 37 0.66 4.16 -3.28
C ASP A 37 1.19 4.87 -2.04
N SER A 38 1.30 4.11 -0.93
CA SER A 38 1.55 4.72 0.37
C SER A 38 2.91 5.41 0.42
N LEU A 39 3.97 4.69 0.06
CA LEU A 39 5.32 5.25 0.20
C LEU A 39 5.53 6.43 -0.73
N GLU A 40 5.03 6.35 -1.96
CA GLU A 40 5.12 7.48 -2.89
C GLU A 40 4.46 8.71 -2.27
N LEU A 41 3.21 8.58 -1.83
CA LEU A 41 2.50 9.71 -1.22
C LEU A 41 3.28 10.31 -0.06
N ALA A 42 3.83 9.46 0.80
CA ALA A 42 4.63 9.97 1.91
C ALA A 42 5.93 10.58 1.42
N ARG A 43 6.56 9.96 0.41
CA ARG A 43 7.81 10.51 -0.12
C ARG A 43 7.58 11.78 -0.92
N ARG A 44 6.38 11.96 -1.49
CA ARG A 44 6.10 13.22 -2.18
C ARG A 44 5.87 14.36 -1.20
N ALA A 45 5.45 14.05 0.03
CA ALA A 45 5.18 15.09 1.02
C ALA A 45 6.46 15.65 1.63
N THR A 46 7.55 14.90 1.62
CA THR A 46 8.82 15.37 2.18
C THR A 46 9.38 16.57 1.44
N ARG A 47 8.93 16.84 0.22
CA ARG A 47 9.39 17.98 -0.57
C ARG A 47 8.35 19.09 -0.65
N VAL A 48 7.34 19.08 0.23
CA VAL A 48 6.19 19.96 0.16
C VAL A 48 6.02 20.68 1.50
N ASP A 49 5.54 21.95 1.45
CA ASP A 49 5.54 22.91 2.56
C ASP A 49 4.26 22.92 3.39
N ALA A 50 3.27 22.08 3.08
CA ALA A 50 1.95 22.19 3.71
C ALA A 50 2.02 21.97 5.22
N ASP A 51 1.13 22.65 5.94
CA ASP A 51 1.10 22.50 7.39
C ASP A 51 0.36 21.23 7.81
N VAL A 52 -0.64 20.83 7.03
CA VAL A 52 -1.51 19.72 7.37
C VAL A 52 -1.50 18.72 6.23
N ILE A 53 -1.50 17.43 6.57
CA ILE A 53 -1.66 16.34 5.61
C ILE A 53 -2.95 15.61 5.97
N VAL A 54 -3.90 15.61 5.03
CA VAL A 54 -5.10 14.80 5.16
C VAL A 54 -4.88 13.56 4.29
N PHE A 55 -4.57 12.44 4.93
CA PHE A 55 -4.22 11.22 4.22
C PHE A 55 -5.48 10.39 4.01
N ALA A 56 -5.99 10.40 2.77
CA ALA A 56 -7.11 9.55 2.38
C ALA A 56 -6.58 8.14 2.16
N GLY A 57 -6.47 7.40 3.26
CA GLY A 57 -5.96 6.05 3.21
C GLY A 57 -6.22 5.32 4.50
N VAL A 58 -5.47 4.24 4.70
CA VAL A 58 -5.64 3.43 5.90
C VAL A 58 -4.61 3.86 6.95
N ASP A 59 -4.62 3.18 8.10
CA ASP A 59 -3.90 3.68 9.27
C ASP A 59 -2.39 3.68 9.07
N PHE A 60 -1.83 2.55 8.60
CA PHE A 60 -0.38 2.46 8.49
C PHE A 60 0.17 3.45 7.47
N MET A 61 -0.63 3.81 6.47
CA MET A 61 -0.19 4.77 5.48
C MET A 61 -0.05 6.16 6.09
N ALA A 62 -1.05 6.59 6.87
CA ALA A 62 -0.95 7.87 7.55
C ALA A 62 0.18 7.86 8.57
N GLU A 63 0.45 6.72 9.19
CA GLU A 63 1.58 6.62 10.11
C GLU A 63 2.90 6.82 9.39
N THR A 64 3.06 6.18 8.23
CA THR A 64 4.30 6.33 7.45
C THR A 64 4.51 7.78 7.04
N ALA A 65 3.44 8.48 6.65
CA ALA A 65 3.55 9.89 6.33
C ALA A 65 3.97 10.70 7.54
N LYS A 66 3.48 10.32 8.73
CA LYS A 66 3.87 11.03 9.95
C LYS A 66 5.33 10.78 10.29
N ILE A 67 5.82 9.57 10.03
CA ILE A 67 7.22 9.27 10.30
C ILE A 67 8.14 10.05 9.37
N LEU A 68 7.74 10.19 8.11
CA LEU A 68 8.53 10.93 7.14
C LEU A 68 8.26 12.43 7.16
N ASN A 69 7.16 12.87 7.75
CA ASN A 69 6.84 14.28 7.91
C ASN A 69 6.43 14.56 9.35
N PRO A 70 7.37 14.48 10.29
CA PRO A 70 7.01 14.75 11.70
C PRO A 70 6.68 16.21 11.96
N ASP A 71 7.10 17.12 11.07
CA ASP A 71 6.82 18.54 11.22
C ASP A 71 5.43 18.93 10.73
N LYS A 72 4.66 17.98 10.21
CA LYS A 72 3.31 18.25 9.70
C LYS A 72 2.26 17.60 10.58
N VAL A 73 1.05 18.14 10.52
CA VAL A 73 -0.10 17.57 11.19
C VAL A 73 -0.75 16.59 10.22
N VAL A 74 -0.61 15.29 10.50
CA VAL A 74 -1.17 14.25 9.64
C VAL A 74 -2.54 13.86 10.20
N LEU A 75 -3.57 14.07 9.39
CA LEU A 75 -4.94 13.76 9.79
C LEU A 75 -5.44 12.53 9.05
N ILE A 76 -6.13 11.66 9.75
CA ILE A 76 -6.84 10.53 9.17
C ILE A 76 -8.34 10.80 9.30
N PRO A 77 -9.11 10.74 8.22
CA PRO A 77 -10.54 11.09 8.32
C PRO A 77 -11.33 10.14 9.20
N SER A 78 -10.90 8.89 9.35
CA SER A 78 -11.60 7.93 10.17
C SER A 78 -10.59 6.97 10.79
N ARG A 79 -10.67 6.77 12.10
CA ARG A 79 -9.81 5.81 12.77
C ARG A 79 -10.19 4.37 12.45
N GLU A 80 -11.31 4.14 11.77
CA GLU A 80 -11.69 2.81 11.32
C GLU A 80 -11.07 2.45 9.98
N ALA A 81 -10.45 3.40 9.29
CA ALA A 81 -9.72 3.10 8.06
C ALA A 81 -8.45 2.34 8.41
N THR A 82 -8.55 1.01 8.50
CA THR A 82 -7.45 0.18 8.96
C THR A 82 -7.15 -0.90 7.93
N CYS A 83 -5.92 -1.42 8.01
CA CYS A 83 -5.46 -2.51 7.16
C CYS A 83 -5.52 -3.80 7.97
N ALA A 84 -6.39 -4.72 7.55
CA ALA A 84 -6.55 -5.96 8.29
C ALA A 84 -5.28 -6.80 8.26
N MET A 85 -4.46 -6.67 7.22
CA MET A 85 -3.24 -7.47 7.12
C MET A 85 -2.15 -6.95 8.03
N ALA A 86 -1.99 -5.62 8.11
CA ALA A 86 -0.94 -5.05 8.94
C ALA A 86 -1.19 -5.34 10.42
N ASN A 87 -2.45 -5.44 10.84
CA ASN A 87 -2.78 -5.72 12.22
C ASN A 87 -2.57 -7.18 12.59
N MET A 88 -2.35 -8.06 11.61
CA MET A 88 -2.06 -9.46 11.93
C MET A 88 -0.65 -9.62 12.47
N LEU A 89 0.26 -8.73 12.10
CA LEU A 89 1.66 -8.82 12.53
C LEU A 89 1.84 -8.10 13.85
N LYS A 90 2.28 -8.84 14.86
CA LYS A 90 2.58 -8.30 16.17
C LYS A 90 4.08 -8.41 16.44
N VAL A 91 4.55 -7.63 17.43
CA VAL A 91 5.97 -7.66 17.78
C VAL A 91 6.35 -8.99 18.41
N GLU A 92 5.39 -9.71 18.99
CA GLU A 92 5.67 -11.05 19.49
C GLU A 92 6.03 -12.00 18.35
N HIS A 93 5.51 -11.73 17.14
CA HIS A 93 5.82 -12.56 15.99
C HIS A 93 7.22 -12.27 15.46
N ILE A 94 7.64 -11.01 15.50
CA ILE A 94 8.97 -10.65 14.99
C ILE A 94 10.05 -11.17 15.93
N LEU A 95 9.88 -10.94 17.24
CA LEU A 95 10.89 -11.38 18.20
C LEU A 95 11.00 -12.90 18.22
N GLU A 96 9.93 -13.61 17.91
CA GLU A 96 9.98 -15.07 17.87
C GLU A 96 10.90 -15.56 16.75
N ALA A 97 10.61 -15.15 15.51
CA ALA A 97 11.45 -15.55 14.38
C ALA A 97 12.86 -14.99 14.50
N LYS A 98 13.02 -13.83 15.15
CA LYS A 98 14.34 -13.24 15.32
C LYS A 98 15.19 -14.04 16.32
N ARG A 99 14.56 -14.83 17.19
CA ARG A 99 15.32 -15.67 18.11
C ARG A 99 15.95 -16.84 17.39
N LYS A 100 15.22 -17.47 16.47
CA LYS A 100 15.75 -18.64 15.76
C LYS A 100 16.63 -18.25 14.58
N TYR A 101 16.46 -17.05 14.03
CA TYR A 101 17.29 -16.57 12.92
C TYR A 101 17.88 -15.22 13.31
N PRO A 102 18.82 -15.19 14.25
CA PRO A 102 19.38 -13.90 14.70
C PRO A 102 20.21 -13.19 13.63
N ASN A 103 20.77 -13.91 12.67
CA ASN A 103 21.53 -13.29 11.60
C ASN A 103 20.67 -12.92 10.40
N ALA A 104 19.41 -13.35 10.37
CA ALA A 104 18.52 -12.98 9.28
C ALA A 104 17.97 -11.58 9.53
N PRO A 105 18.08 -10.67 8.56
CA PRO A 105 17.52 -9.33 8.76
C PRO A 105 16.01 -9.34 8.73
N VAL A 106 15.41 -8.44 9.51
CA VAL A 106 13.96 -8.33 9.61
C VAL A 106 13.50 -7.36 8.52
N VAL A 107 12.91 -7.90 7.46
CA VAL A 107 12.39 -7.12 6.35
C VAL A 107 10.88 -7.09 6.48
N LEU A 108 10.30 -5.89 6.55
CA LEU A 108 8.87 -5.72 6.76
C LEU A 108 8.25 -4.97 5.59
N TYR A 109 7.14 -5.51 5.09
CA TYR A 109 6.30 -4.78 4.15
C TYR A 109 5.88 -3.44 4.75
N VAL A 110 5.70 -2.45 3.88
CA VAL A 110 5.22 -1.14 4.35
C VAL A 110 3.87 -1.29 5.04
N ASN A 111 3.04 -2.22 4.58
CA ASN A 111 1.76 -2.50 5.23
C ASN A 111 2.03 -3.12 6.60
N SER A 112 2.44 -2.27 7.53
CA SER A 112 2.74 -2.71 8.88
C SER A 112 2.65 -1.52 9.83
N THR A 113 2.44 -1.82 11.10
CA THR A 113 2.36 -0.79 12.11
C THR A 113 3.75 -0.19 12.37
N ALA A 114 3.76 1.06 12.84
CA ALA A 114 5.01 1.70 13.20
C ALA A 114 5.73 0.92 14.30
N GLU A 115 4.97 0.36 15.25
CA GLU A 115 5.57 -0.44 16.31
C GLU A 115 6.35 -1.62 15.72
N ALA A 116 5.82 -2.24 14.66
CA ALA A 116 6.52 -3.35 14.04
C ALA A 116 7.76 -2.89 13.29
N LYS A 117 7.69 -1.72 12.65
CA LYS A 117 8.85 -1.20 11.93
C LYS A 117 10.01 -0.87 12.85
N ALA A 118 9.76 -0.68 14.15
CA ALA A 118 10.83 -0.44 15.09
C ALA A 118 11.74 -1.65 15.27
N TYR A 119 11.25 -2.85 14.92
CA TYR A 119 12.03 -4.06 14.99
C TYR A 119 12.55 -4.51 13.63
N ALA A 120 12.26 -3.77 12.57
CA ALA A 120 12.69 -4.11 11.23
C ALA A 120 14.00 -3.42 10.89
N ASP A 121 14.83 -4.11 10.11
CA ASP A 121 16.09 -3.54 9.65
C ASP A 121 15.93 -2.74 8.37
N VAL A 122 14.94 -3.08 7.54
CA VAL A 122 14.67 -2.37 6.30
C VAL A 122 13.24 -2.66 5.88
N THR A 123 12.54 -1.62 5.45
CA THR A 123 11.20 -1.77 4.91
C THR A 123 11.24 -2.01 3.40
N VAL A 124 10.14 -2.53 2.86
CA VAL A 124 10.03 -2.80 1.44
C VAL A 124 8.60 -2.51 0.98
N THR A 125 8.47 -2.09 -0.26
CA THR A 125 7.19 -2.01 -0.94
C THR A 125 7.03 -3.19 -1.90
N SER A 126 5.84 -3.32 -2.46
CA SER A 126 5.61 -4.35 -3.45
C SER A 126 6.27 -4.05 -4.79
N ALA A 127 6.99 -2.94 -4.91
CA ALA A 127 7.69 -2.58 -6.12
C ALA A 127 9.20 -2.74 -6.02
N ASN A 128 9.78 -2.62 -4.83
CA ASN A 128 11.22 -2.73 -4.64
C ASN A 128 11.62 -3.89 -3.75
N ALA A 129 10.68 -4.79 -3.42
CA ALA A 129 11.01 -5.89 -2.52
C ALA A 129 12.01 -6.86 -3.14
N VAL A 130 11.95 -7.06 -4.46
CA VAL A 130 12.82 -8.03 -5.11
C VAL A 130 14.27 -7.56 -5.05
N GLU A 131 14.51 -6.30 -5.40
CA GLU A 131 15.89 -5.80 -5.44
C GLU A 131 16.47 -5.63 -4.05
N VAL A 132 15.66 -5.18 -3.09
CA VAL A 132 16.17 -4.92 -1.75
C VAL A 132 16.57 -6.23 -1.06
N VAL A 133 15.70 -7.25 -1.14
CA VAL A 133 16.00 -8.51 -0.50
C VAL A 133 17.20 -9.18 -1.15
N LYS A 134 17.29 -9.12 -2.48
CA LYS A 134 18.40 -9.75 -3.18
C LYS A 134 19.72 -9.03 -2.90
N LYS A 135 19.66 -7.73 -2.63
CA LYS A 135 20.86 -6.95 -2.31
C LYS A 135 21.29 -7.11 -0.86
N LEU A 136 20.53 -7.83 -0.04
CA LEU A 136 20.91 -8.06 1.34
C LEU A 136 22.02 -9.10 1.44
N ASP A 137 22.81 -8.99 2.51
CA ASP A 137 23.98 -9.86 2.66
C ASP A 137 23.60 -11.27 3.06
N SER A 138 22.50 -11.44 3.80
CA SER A 138 22.14 -12.74 4.32
C SER A 138 21.34 -13.54 3.29
N ASP A 139 21.38 -14.87 3.46
CA ASP A 139 20.57 -15.77 2.66
C ASP A 139 19.21 -16.05 3.30
N VAL A 140 19.10 -15.89 4.61
CA VAL A 140 17.83 -16.04 5.32
C VAL A 140 17.27 -14.65 5.56
N VAL A 141 15.97 -14.47 5.31
CA VAL A 141 15.30 -13.19 5.44
C VAL A 141 13.98 -13.39 6.16
N ILE A 142 13.74 -12.58 7.18
CA ILE A 142 12.45 -12.55 7.88
C ILE A 142 11.57 -11.51 7.20
N PHE A 143 10.43 -11.96 6.66
CA PHE A 143 9.58 -11.12 5.84
C PHE A 143 8.14 -11.20 6.33
N GLY A 144 7.48 -10.04 6.38
CA GLY A 144 6.07 -9.98 6.76
C GLY A 144 5.43 -8.64 6.42
N PRO A 145 4.11 -8.53 6.62
CA PRO A 145 3.25 -9.60 7.13
C PRO A 145 2.66 -10.49 6.03
N ASP A 146 2.77 -10.08 4.77
CA ASP A 146 2.11 -10.78 3.68
C ASP A 146 2.92 -12.00 3.28
N LYS A 147 2.29 -13.18 3.30
CA LYS A 147 2.97 -14.41 2.91
C LYS A 147 2.92 -14.64 1.40
N ASN A 148 1.97 -14.02 0.70
CA ASN A 148 1.91 -14.15 -0.75
C ASN A 148 2.99 -13.31 -1.43
N LEU A 149 3.21 -12.08 -0.93
CA LEU A 149 4.34 -11.30 -1.40
C LEU A 149 5.67 -11.96 -1.02
N ALA A 150 5.71 -12.59 0.15
CA ALA A 150 6.90 -13.32 0.56
C ALA A 150 7.21 -14.46 -0.40
N HIS A 151 6.17 -15.16 -0.86
CA HIS A 151 6.38 -16.23 -1.84
C HIS A 151 6.93 -15.68 -3.15
N TYR A 152 6.41 -14.53 -3.60
CA TYR A 152 6.91 -13.94 -4.83
C TYR A 152 8.36 -13.49 -4.69
N VAL A 153 8.71 -12.91 -3.54
CA VAL A 153 10.10 -12.51 -3.32
C VAL A 153 10.99 -13.75 -3.19
N ALA A 154 10.49 -14.80 -2.56
CA ALA A 154 11.26 -16.04 -2.46
C ALA A 154 11.49 -16.67 -3.84
N LYS A 155 10.55 -16.48 -4.76
CA LYS A 155 10.67 -17.10 -6.07
C LYS A 155 11.57 -16.29 -7.00
N MET A 156 11.73 -15.00 -6.74
CA MET A 156 12.57 -14.15 -7.58
C MET A 156 14.00 -14.05 -7.08
N THR A 157 14.22 -14.06 -5.76
CA THR A 157 15.56 -13.89 -5.21
C THR A 157 16.28 -15.20 -4.96
N GLY A 158 15.55 -16.31 -4.82
CA GLY A 158 16.16 -17.58 -4.51
C GLY A 158 16.57 -17.76 -3.06
N LYS A 159 16.34 -16.77 -2.21
CA LYS A 159 16.67 -16.86 -0.80
C LYS A 159 15.47 -17.40 -0.02
N LYS A 160 15.75 -18.21 1.00
CA LYS A 160 14.68 -18.78 1.80
C LYS A 160 14.05 -17.69 2.67
N ILE A 161 12.76 -17.46 2.47
CA ILE A 161 12.02 -16.39 3.14
C ILE A 161 11.24 -16.99 4.30
N ILE A 162 11.30 -16.35 5.46
CA ILE A 162 10.55 -16.78 6.63
C ILE A 162 9.34 -15.86 6.78
N PRO A 163 8.15 -16.29 6.36
CA PRO A 163 6.98 -15.40 6.45
C PRO A 163 6.51 -15.27 7.88
N VAL A 164 6.15 -14.04 8.26
CA VAL A 164 5.71 -13.77 9.62
C VAL A 164 4.60 -12.71 9.62
N PRO A 165 3.42 -13.06 10.17
CA PRO A 165 3.12 -14.36 10.78
C PRO A 165 2.82 -15.44 9.74
N SER A 166 2.31 -16.58 10.21
CA SER A 166 2.09 -17.72 9.31
C SER A 166 0.97 -17.43 8.32
N LYS A 167 -0.19 -17.03 8.80
CA LYS A 167 -1.37 -16.81 7.97
CA LYS A 167 -1.37 -16.81 7.96
C LYS A 167 -1.54 -15.35 7.56
N GLY A 168 -0.46 -14.57 7.58
CA GLY A 168 -0.54 -13.17 7.21
C GLY A 168 -0.86 -13.01 5.73
N HIS A 169 -1.97 -12.35 5.42
CA HIS A 169 -2.40 -12.17 4.05
C HIS A 169 -3.44 -11.06 3.99
N CYS A 170 -3.77 -10.65 2.77
CA CYS A 170 -4.77 -9.62 2.51
C CYS A 170 -6.04 -10.28 1.99
N TYR A 171 -7.16 -10.07 2.70
CA TYR A 171 -8.40 -10.73 2.34
C TYR A 171 -8.96 -10.21 1.01
N VAL A 172 -8.62 -8.98 0.63
CA VAL A 172 -9.12 -8.43 -0.63
C VAL A 172 -8.50 -9.17 -1.81
N HIS A 173 -7.17 -9.24 -1.84
CA HIS A 173 -6.48 -9.94 -2.93
C HIS A 173 -6.58 -11.45 -2.82
N GLN A 174 -6.92 -11.98 -1.64
CA GLN A 174 -7.14 -13.40 -1.49
C GLN A 174 -8.40 -13.86 -2.21
N LYS A 175 -9.34 -12.95 -2.49
CA LYS A 175 -10.58 -13.33 -3.15
C LYS A 175 -10.33 -13.88 -4.55
N PHE A 176 -9.29 -13.41 -5.23
CA PHE A 176 -9.03 -13.85 -6.59
C PHE A 176 -8.61 -15.31 -6.62
N THR A 177 -9.28 -16.11 -7.44
CA THR A 177 -8.99 -17.52 -7.62
C THR A 177 -8.68 -17.80 -9.07
N LEU A 178 -8.35 -19.06 -9.37
CA LEU A 178 -8.09 -19.44 -10.75
C LEU A 178 -9.34 -19.36 -11.62
N ASP A 179 -10.52 -19.49 -11.00
CA ASP A 179 -11.76 -19.34 -11.76
C ASP A 179 -11.96 -17.90 -12.22
N ASP A 180 -11.43 -16.93 -11.46
CA ASP A 180 -11.48 -15.54 -11.89
C ASP A 180 -10.55 -15.30 -13.08
N VAL A 181 -9.41 -15.99 -13.10
CA VAL A 181 -8.51 -15.91 -14.25
C VAL A 181 -9.17 -16.53 -15.47
N GLU A 182 -9.81 -17.69 -15.29
CA GLU A 182 -10.52 -18.32 -16.40
C GLU A 182 -11.69 -17.47 -16.88
N ARG A 183 -12.39 -16.81 -15.95
CA ARG A 183 -13.52 -15.98 -16.33
CA ARG A 183 -13.52 -15.98 -16.33
C ARG A 183 -13.06 -14.75 -17.09
N ALA A 184 -11.90 -14.20 -16.73
CA ALA A 184 -11.41 -13.00 -17.41
C ALA A 184 -11.00 -13.30 -18.84
N LYS A 185 -10.30 -14.41 -19.07
CA LYS A 185 -9.88 -14.77 -20.42
C LYS A 185 -11.05 -15.10 -21.33
N LYS A 186 -12.19 -15.49 -20.77
CA LYS A 186 -13.38 -15.74 -21.58
C LYS A 186 -14.20 -14.49 -21.84
N LEU A 187 -14.19 -13.53 -20.93
CA LEU A 187 -14.93 -12.29 -21.14
C LEU A 187 -14.13 -11.28 -21.94
N HIS A 188 -12.83 -11.21 -21.71
CA HIS A 188 -11.94 -10.26 -22.38
C HIS A 188 -10.76 -11.03 -22.96
N PRO A 189 -10.94 -11.67 -24.11
CA PRO A 189 -9.86 -12.52 -24.64
C PRO A 189 -8.63 -11.74 -25.08
N ASN A 190 -8.78 -10.48 -25.46
CA ASN A 190 -7.66 -9.68 -25.94
C ASN A 190 -6.95 -8.93 -24.81
N ALA A 191 -7.43 -9.04 -23.59
CA ALA A 191 -6.89 -8.27 -22.47
C ALA A 191 -5.72 -9.01 -21.82
N LYS A 192 -4.72 -8.25 -21.39
CA LYS A 192 -3.66 -8.77 -20.56
C LYS A 192 -4.08 -8.70 -19.08
N LEU A 193 -3.31 -9.38 -18.23
CA LEU A 193 -3.67 -9.56 -16.83
C LEU A 193 -2.70 -8.82 -15.92
N MET A 194 -3.18 -7.74 -15.31
CA MET A 194 -2.48 -7.11 -14.19
C MET A 194 -2.86 -7.85 -12.92
N ILE A 195 -1.87 -8.36 -12.20
CA ILE A 195 -2.11 -9.11 -10.97
C ILE A 195 -1.19 -8.59 -9.88
N HIS A 196 -1.76 -8.23 -8.75
CA HIS A 196 -0.99 -7.72 -7.63
C HIS A 196 -0.22 -8.86 -6.96
N PRO A 197 1.02 -8.63 -6.52
CA PRO A 197 1.77 -9.70 -5.85
C PRO A 197 1.16 -10.17 -4.53
N GLU A 198 0.13 -9.49 -4.02
CA GLU A 198 -0.56 -9.95 -2.82
C GLU A 198 -1.57 -11.04 -3.11
N CYS A 199 -1.75 -11.42 -4.37
CA CYS A 199 -2.61 -12.55 -4.73
C CYS A 199 -1.88 -13.86 -4.44
N ILE A 200 -2.66 -14.94 -4.37
CA ILE A 200 -2.12 -16.26 -4.09
C ILE A 200 -1.17 -16.66 -5.22
N PRO A 201 -0.14 -17.46 -4.96
CA PRO A 201 0.88 -17.72 -5.99
C PRO A 201 0.33 -18.37 -7.25
N GLU A 202 -0.65 -19.27 -7.12
CA GLU A 202 -1.18 -19.93 -8.31
C GLU A 202 -1.94 -18.96 -9.22
N VAL A 203 -2.39 -17.82 -8.68
CA VAL A 203 -2.95 -16.78 -9.52
C VAL A 203 -1.84 -15.92 -10.11
N GLN A 204 -0.76 -15.70 -9.36
CA GLN A 204 0.36 -14.91 -9.85
C GLN A 204 0.98 -15.54 -11.08
N GLU A 205 1.11 -16.87 -11.10
CA GLU A 205 1.79 -17.56 -12.20
C GLU A 205 1.01 -17.53 -13.50
N LYS A 206 -0.20 -16.97 -13.51
CA LYS A 206 -0.97 -16.79 -14.74
C LYS A 206 -1.10 -15.33 -15.14
N ALA A 207 -0.24 -14.46 -14.60
CA ALA A 207 -0.29 -13.04 -14.87
C ALA A 207 0.57 -12.69 -16.08
N ASP A 208 0.17 -11.62 -16.78
CA ASP A 208 1.03 -11.06 -17.81
C ASP A 208 2.09 -10.15 -17.18
N ILE A 209 1.71 -9.35 -16.18
CA ILE A 209 2.65 -8.59 -15.37
C ILE A 209 2.24 -8.71 -13.91
N ILE A 210 3.23 -8.76 -13.03
CA ILE A 210 3.02 -8.77 -11.59
C ILE A 210 3.66 -7.51 -11.04
N ALA A 211 2.83 -6.60 -10.51
CA ALA A 211 3.35 -5.33 -10.05
C ALA A 211 2.38 -4.72 -9.04
N SER A 212 2.89 -3.76 -8.27
CA SER A 212 2.07 -2.98 -7.37
C SER A 212 1.18 -2.03 -8.18
N THR A 213 0.34 -1.28 -7.47
CA THR A 213 -0.52 -0.30 -8.15
C THR A 213 0.32 0.76 -8.85
N GLY A 214 1.46 1.14 -8.24
CA GLY A 214 2.36 2.05 -8.91
C GLY A 214 3.01 1.42 -10.13
N GLY A 215 3.32 0.13 -10.04
CA GLY A 215 3.90 -0.55 -11.20
C GLY A 215 2.88 -0.78 -12.30
N MET A 216 1.62 -1.04 -11.92
CA MET A 216 0.57 -1.19 -12.93
C MET A 216 0.42 0.08 -13.76
N ILE A 217 0.58 1.24 -13.13
CA ILE A 217 0.49 2.49 -13.85
C ILE A 217 1.65 2.64 -14.83
N LYS A 218 2.84 2.22 -14.42
CA LYS A 218 4.01 2.34 -15.30
C LYS A 218 3.93 1.41 -16.50
N ARG A 219 3.62 0.13 -16.25
CA ARG A 219 3.63 -0.88 -17.30
C ARG A 219 2.31 -0.99 -18.05
N ALA A 220 1.37 -0.09 -17.78
CA ALA A 220 0.11 -0.08 -18.52
C ALA A 220 0.31 0.26 -20.00
N CYS A 221 1.42 0.91 -20.35
CA CYS A 221 1.66 1.31 -21.73
C CYS A 221 2.03 0.13 -22.63
N GLU A 222 2.31 -1.04 -22.05
CA GLU A 222 2.70 -2.19 -22.85
C GLU A 222 1.54 -2.86 -23.58
N TRP A 223 0.30 -2.47 -23.28
CA TRP A 223 -0.86 -3.04 -23.96
C TRP A 223 -2.02 -2.06 -23.82
N ASP A 224 -3.05 -2.27 -24.62
CA ASP A 224 -4.21 -1.39 -24.66
C ASP A 224 -5.43 -1.96 -23.94
N GLU A 225 -5.34 -3.17 -23.42
CA GLU A 225 -6.48 -3.82 -22.78
C GLU A 225 -5.98 -4.65 -21.61
N TRP A 226 -6.49 -4.36 -20.41
CA TRP A 226 -6.00 -5.01 -19.20
C TRP A 226 -7.16 -5.43 -18.32
N VAL A 227 -7.02 -6.61 -17.71
CA VAL A 227 -7.90 -7.04 -16.62
C VAL A 227 -7.11 -6.91 -15.32
N VAL A 228 -7.66 -6.14 -14.38
CA VAL A 228 -6.92 -5.72 -13.20
C VAL A 228 -7.30 -6.63 -12.03
N PHE A 229 -6.31 -7.35 -11.50
CA PHE A 229 -6.50 -8.24 -10.35
C PHE A 229 -6.00 -7.53 -9.09
N THR A 230 -6.79 -6.56 -8.63
CA THR A 230 -6.53 -5.87 -7.37
C THR A 230 -7.83 -5.19 -6.95
N GLU A 231 -7.72 -4.30 -5.96
CA GLU A 231 -8.90 -3.59 -5.47
C GLU A 231 -9.59 -2.86 -6.61
N ARG A 232 -10.93 -2.93 -6.62
CA ARG A 232 -11.70 -2.51 -7.78
C ARG A 232 -11.52 -1.03 -8.10
N GLU A 233 -11.30 -0.19 -7.09
CA GLU A 233 -11.14 1.24 -7.33
C GLU A 233 -9.87 1.57 -8.11
N MET A 234 -8.95 0.61 -8.27
CA MET A 234 -7.80 0.84 -9.13
C MET A 234 -8.20 0.96 -10.58
N VAL A 235 -9.33 0.34 -10.96
CA VAL A 235 -9.80 0.43 -12.35
C VAL A 235 -10.15 1.87 -12.70
N TYR A 236 -10.82 2.57 -11.78
CA TYR A 236 -11.13 3.97 -12.02
C TYR A 236 -9.87 4.80 -12.19
N ARG A 237 -8.87 4.56 -11.33
CA ARG A 237 -7.60 5.31 -11.42
C ARG A 237 -6.94 5.08 -12.77
N LEU A 238 -6.92 3.83 -13.26
CA LEU A 238 -6.30 3.55 -14.55
C LEU A 238 -7.08 4.15 -15.70
N ARG A 239 -8.41 4.21 -15.59
CA ARG A 239 -9.21 4.80 -16.67
C ARG A 239 -9.00 6.31 -16.75
N LYS A 240 -8.81 6.97 -15.60
CA LYS A 240 -8.57 8.40 -15.63
CA LYS A 240 -8.56 8.40 -15.59
C LYS A 240 -7.19 8.73 -16.20
N LEU A 241 -6.20 7.84 -16.00
CA LEU A 241 -4.87 8.10 -16.50
C LEU A 241 -4.74 7.80 -17.99
N TYR A 242 -5.30 6.67 -18.44
CA TYR A 242 -5.21 6.23 -19.83
C TYR A 242 -6.63 6.11 -20.39
N PRO A 243 -7.25 7.22 -20.79
CA PRO A 243 -8.62 7.13 -21.34
C PRO A 243 -8.69 6.38 -22.65
N GLN A 244 -7.58 6.27 -23.40
CA GLN A 244 -7.61 5.55 -24.67
C GLN A 244 -7.56 4.04 -24.50
N LYS A 245 -7.09 3.56 -23.35
CA LYS A 245 -7.04 2.13 -23.08
C LYS A 245 -8.32 1.66 -22.40
N LYS A 246 -8.47 0.35 -22.29
CA LYS A 246 -9.64 -0.26 -21.65
C LYS A 246 -9.17 -1.11 -20.48
N PHE A 247 -9.83 -0.94 -19.33
CA PHE A 247 -9.52 -1.69 -18.13
C PHE A 247 -10.79 -2.34 -17.59
N TYR A 248 -10.65 -3.54 -17.04
CA TYR A 248 -11.77 -4.26 -16.46
C TYR A 248 -11.37 -4.81 -15.10
N PRO A 249 -12.28 -4.74 -14.12
CA PRO A 249 -11.99 -5.38 -12.83
C PRO A 249 -12.10 -6.90 -12.94
N ALA A 250 -11.16 -7.59 -12.29
CA ALA A 250 -11.25 -9.05 -12.24
C ALA A 250 -12.43 -9.49 -11.37
N ARG A 251 -12.69 -8.77 -10.30
CA ARG A 251 -13.84 -9.01 -9.43
C ARG A 251 -14.36 -7.68 -8.92
N GLU A 252 -15.66 -7.43 -9.13
CA GLU A 252 -16.24 -6.18 -8.66
C GLU A 252 -16.33 -6.14 -7.14
N ASP A 253 -16.46 -7.30 -6.49
CA ASP A 253 -16.58 -7.36 -5.04
C ASP A 253 -15.23 -7.36 -4.33
N ALA A 254 -14.13 -7.11 -5.06
CA ALA A 254 -12.80 -7.04 -4.46
C ALA A 254 -12.56 -5.61 -3.98
N PHE A 255 -13.08 -5.32 -2.79
CA PHE A 255 -13.00 -4.00 -2.20
C PHE A 255 -12.43 -4.08 -0.79
N CYS A 256 -11.78 -3.00 -0.36
CA CYS A 256 -11.17 -2.92 0.95
C CYS A 256 -12.06 -2.07 1.86
N ILE A 257 -12.56 -2.69 2.94
CA ILE A 257 -13.43 -1.98 3.87
C ILE A 257 -12.68 -0.81 4.52
N GLY A 258 -11.41 -1.02 4.86
CA GLY A 258 -10.63 0.06 5.45
C GLY A 258 -10.51 1.26 4.53
N MET A 259 -10.32 1.01 3.23
CA MET A 259 -10.24 2.11 2.27
C MET A 259 -11.59 2.82 2.15
N LYS A 260 -12.69 2.06 2.16
CA LYS A 260 -14.02 2.64 2.02
C LYS A 260 -14.51 3.33 3.28
N ALA A 261 -13.75 3.28 4.37
CA ALA A 261 -14.08 4.07 5.55
C ALA A 261 -13.88 5.55 5.31
N ILE A 262 -13.11 5.93 4.30
CA ILE A 262 -12.89 7.33 3.95
C ILE A 262 -13.93 7.72 2.91
N THR A 263 -14.70 8.76 3.22
CA THR A 263 -15.70 9.29 2.31
C THR A 263 -15.45 10.78 2.11
N LEU A 264 -16.26 11.41 1.26
CA LEU A 264 -16.13 12.85 1.05
C LEU A 264 -16.61 13.63 2.26
N LYS A 265 -17.52 13.05 3.05
CA LYS A 265 -18.05 13.76 4.20
C LYS A 265 -17.03 13.86 5.33
N ASN A 266 -16.38 12.75 5.67
CA ASN A 266 -15.43 12.78 6.78
C ASN A 266 -14.12 13.47 6.40
N ILE A 267 -13.82 13.57 5.10
CA ILE A 267 -12.71 14.42 4.68
C ILE A 267 -13.02 15.88 4.97
N TYR A 268 -14.26 16.29 4.69
CA TYR A 268 -14.69 17.65 5.02
C TYR A 268 -14.65 17.88 6.54
N GLU A 269 -15.14 16.92 7.31
CA GLU A 269 -15.10 17.04 8.77
C GLU A 269 -13.67 16.94 9.28
N SER A 270 -12.79 16.27 8.54
CA SER A 270 -11.39 16.18 8.95
C SER A 270 -10.72 17.54 8.90
N LEU A 271 -10.97 18.32 7.85
CA LEU A 271 -10.38 19.64 7.74
C LEU A 271 -11.01 20.64 8.70
N LYS A 272 -12.31 20.48 8.99
CA LYS A 272 -13.00 21.45 9.81
C LYS A 272 -12.56 21.37 11.27
N ASP A 273 -12.40 20.15 11.79
CA ASP A 273 -12.11 19.95 13.21
C ASP A 273 -10.67 19.51 13.47
N MET A 274 -9.84 19.40 12.44
CA MET A 274 -8.45 18.95 12.58
C MET A 274 -8.38 17.59 13.24
N LYS A 275 -9.10 16.63 12.66
CA LYS A 275 -9.16 15.27 13.19
C LYS A 275 -9.12 14.27 12.04
N TYR A 276 -8.64 13.05 12.28
CA TYR A 276 -8.09 12.64 13.57
C TYR A 276 -6.57 12.64 13.48
N LYS A 277 -5.92 13.29 14.44
CA LYS A 277 -4.48 13.46 14.40
C LYS A 277 -3.78 12.11 14.57
N VAL A 278 -2.77 11.88 13.73
CA VAL A 278 -1.98 10.65 13.77
C VAL A 278 -0.64 10.98 14.39
N GLU A 279 -0.38 10.44 15.58
CA GLU A 279 0.88 10.64 16.28
CA GLU A 279 0.88 10.64 16.28
C GLU A 279 1.60 9.32 16.46
N VAL A 280 2.92 9.37 16.35
CA VAL A 280 3.75 8.18 16.52
C VAL A 280 4.76 8.48 17.63
N PRO A 281 4.94 7.59 18.59
CA PRO A 281 5.94 7.82 19.64
C PRO A 281 7.30 8.17 19.05
N GLU A 282 7.97 9.14 19.69
CA GLU A 282 9.27 9.59 19.20
C GLU A 282 10.25 8.43 19.08
N GLU A 283 10.27 7.57 20.10
CA GLU A 283 11.02 6.32 20.08
C GLU A 283 10.78 5.54 18.80
N ILE A 284 9.52 5.20 18.54
CA ILE A 284 9.17 4.32 17.43
C ILE A 284 9.48 4.97 16.10
N ALA A 285 9.16 6.26 15.96
CA ALA A 285 9.43 6.95 14.70
C ALA A 285 10.91 7.03 14.39
N ARG A 286 11.76 6.90 15.41
CA ARG A 286 13.20 6.94 15.18
CA ARG A 286 13.21 6.93 15.20
C ARG A 286 13.68 5.69 14.45
N LYS A 287 13.38 4.51 15.00
CA LYS A 287 13.84 3.27 14.37
C LYS A 287 13.07 2.97 13.09
N ALA A 288 11.79 3.34 13.04
CA ALA A 288 11.00 3.11 11.83
C ALA A 288 11.53 3.94 10.67
N ARG A 289 11.92 5.19 10.93
CA ARG A 289 12.51 6.02 9.88
C ARG A 289 13.86 5.49 9.44
N LYS A 290 14.62 4.87 10.35
CA LYS A 290 15.91 4.31 9.97
C LYS A 290 15.75 3.12 9.03
N ALA A 291 14.65 2.38 9.15
CA ALA A 291 14.39 1.29 8.22
C ALA A 291 13.91 1.82 6.87
N ILE A 292 13.16 2.92 6.86
CA ILE A 292 12.70 3.50 5.60
C ILE A 292 13.85 4.14 4.84
N GLU A 293 14.69 4.91 5.55
CA GLU A 293 15.82 5.55 4.88
C GLU A 293 16.81 4.53 4.35
N ARG A 294 16.93 3.38 5.01
CA ARG A 294 17.78 2.31 4.48
C ARG A 294 17.19 1.72 3.21
N MET A 295 15.86 1.66 3.13
CA MET A 295 15.21 1.22 1.89
C MET A 295 15.46 2.21 0.77
N LEU A 296 15.41 3.52 1.07
CA LEU A 296 15.62 4.52 0.05
C LEU A 296 17.07 4.53 -0.44
N GLU A 297 18.02 4.28 0.46
CA GLU A 297 19.40 4.14 0.04
C GLU A 297 19.59 2.91 -0.84
N MET A 298 18.74 1.91 -0.67
CA MET A 298 18.70 0.74 -1.55
C MET A 298 17.60 0.92 -2.59
N SER A 299 17.75 1.98 -3.37
CA SER A 299 16.80 2.45 -4.38
C SER A 299 15.56 3.06 -3.74
#